data_4LEX
#
_entry.id   4LEX
#
_cell.length_a   59.069
_cell.length_b   84.184
_cell.length_c   88.959
_cell.angle_alpha   90.000
_cell.angle_beta   90.000
_cell.angle_gamma   90.000
#
_symmetry.space_group_name_H-M   'P 21 2 21'
#
loop_
_entity.id
_entity.type
_entity.pdbx_description
1 polymer 'FAB HEAVY CHAIN'
2 polymer 'FAB LIGHT CHAIN'
3 water water
#
loop_
_entity_poly.entity_id
_entity_poly.type
_entity_poly.pdbx_seq_one_letter_code
_entity_poly.pdbx_strand_id
1 'polypeptide(L)'
;DIVMTQTPLSLPVTPGQPASISCRSSQSLVHSNGNTYLHWYLQKPGQSPQLLIYKVSNRFSGVPDRFSGSGSGTDFTLKI
SRVEAEDVGVYYCSQSTHVPWTFGQGTKVEIKRTVAAPSVFIFPPSDEQLKSGTASVVCLLNNFYPREAKVQWKVDNALQ
SGNSQESVTEQDSKDSTYSLSSTLTLSKADYEKHKVYACEVTHQGLSSPVTKSFNRG
;
L
2 'polypeptide(L)'
;EVQLVESGPGLVKPSETLSLSCTVSGDSITSGFWNWIRQPPGKGLEWIGYIGFSGSTYYNPSLKSRVTISRDTSKNQYSL
KLSSVTAADTAVYYCASVDNSAALDYWGQGTLVTVSSASTKGPSVFPLAPSSKSTSGGTAALGCLVKDYFPEPVTVSWNS
GALTSGVHTFPAVLQSSGLYSLSSVVTVPSSSLGTQTYICNVNHKPSNTKVDKKVEP
;
H
#
# COMPACT_ATOMS: atom_id res chain seq x y z
N ASP A 1 16.68 -15.22 -18.43
CA ASP A 1 15.36 -14.60 -18.29
C ASP A 1 15.10 -13.62 -19.42
N ILE A 2 13.89 -13.69 -19.96
CA ILE A 2 13.41 -12.61 -20.82
C ILE A 2 13.24 -11.34 -19.98
N VAL A 3 13.98 -10.35 -20.32
CA VAL A 3 13.90 -9.11 -19.70
C VAL A 3 12.82 -8.29 -20.39
N MET A 4 11.84 -7.85 -19.67
CA MET A 4 10.79 -7.02 -20.15
C MET A 4 11.13 -5.61 -19.73
N THR A 5 11.20 -4.66 -20.65
CA THR A 5 11.45 -3.28 -20.21
C THR A 5 10.49 -2.15 -20.62
N GLN A 6 10.06 -1.36 -19.65
CA GLN A 6 8.97 -0.36 -19.77
C GLN A 6 9.42 1.08 -19.76
N THR A 7 8.81 1.97 -20.58
CA THR A 7 9.12 3.38 -20.65
C THR A 7 7.84 4.17 -20.96
N PRO A 8 7.61 5.29 -20.24
CA PRO A 8 8.40 5.83 -19.13
C PRO A 8 8.09 5.10 -17.83
N LEU A 9 8.86 5.38 -16.80
CA LEU A 9 8.67 4.83 -15.48
C LEU A 9 7.70 5.62 -14.60
N SER A 10 7.53 6.87 -14.92
CA SER A 10 6.59 7.76 -14.30
C SER A 10 5.80 8.48 -15.37
N LEU A 11 4.50 8.48 -15.25
CA LEU A 11 3.67 9.02 -16.26
C LEU A 11 2.56 9.94 -15.75
N PRO A 12 2.89 11.22 -15.62
CA PRO A 12 1.89 12.21 -15.24
C PRO A 12 0.99 12.53 -16.43
N VAL A 13 -0.32 12.57 -16.21
CA VAL A 13 -1.24 12.86 -17.30
C VAL A 13 -2.47 13.61 -16.81
N THR A 14 -2.95 14.52 -17.64
CA THR A 14 -4.14 15.29 -17.30
C THR A 14 -5.38 14.49 -17.66
N PRO A 15 -6.38 14.48 -16.77
CA PRO A 15 -7.63 13.75 -17.00
C PRO A 15 -8.25 14.11 -18.35
N GLY A 16 -8.65 13.10 -19.11
CA GLY A 16 -9.21 13.31 -20.43
C GLY A 16 -8.18 13.28 -21.54
N GLN A 17 -6.90 13.30 -21.16
CA GLN A 17 -5.83 13.21 -22.15
C GLN A 17 -5.39 11.76 -22.30
N PRO A 18 -4.89 11.40 -23.49
CA PRO A 18 -4.38 10.06 -23.74
C PRO A 18 -3.05 9.79 -23.04
N ALA A 19 -2.75 8.53 -22.80
CA ALA A 19 -1.47 8.11 -22.24
C ALA A 19 -1.01 6.82 -22.91
N SER A 20 0.28 6.66 -23.08
CA SER A 20 0.88 5.48 -23.70
C SER A 20 2.05 4.98 -22.92
N ILE A 21 2.18 3.66 -22.87
CA ILE A 21 3.32 3.06 -22.23
C ILE A 21 3.91 2.03 -23.18
N SER A 22 5.22 2.09 -23.37
CA SER A 22 5.93 1.15 -24.22
C SER A 22 6.55 0.00 -23.40
N CYS A 23 6.49 -1.19 -23.92
CA CYS A 23 7.09 -2.35 -23.29
C CYS A 23 7.97 -3.09 -24.28
N ARG A 24 9.20 -3.36 -23.94
CA ARG A 24 10.06 -4.15 -24.80
C ARG A 24 10.42 -5.44 -24.09
N SER A 25 10.52 -6.53 -24.85
CA SER A 25 11.08 -7.78 -24.33
C SER A 25 12.46 -7.97 -24.94
N SER A 26 13.33 -8.73 -24.28
CA SER A 26 14.68 -8.94 -24.80
C SER A 26 14.69 -9.94 -25.97
N GLN A 27 13.65 -10.75 -26.04
CA GLN A 27 13.49 -11.73 -27.12
C GLN A 27 12.04 -11.76 -27.59
N SER A 28 11.81 -12.34 -28.76
CA SER A 28 10.44 -12.47 -29.27
C SER A 28 9.56 -13.21 -28.28
N LEU A 29 8.33 -12.73 -28.10
CA LEU A 29 7.37 -13.41 -27.24
C LEU A 29 6.41 -14.28 -28.04
N VAL A 30 6.71 -14.47 -29.32
CA VAL A 30 5.90 -15.35 -30.17
C VAL A 30 6.17 -16.80 -29.79
N HIS A 31 5.14 -17.49 -29.28
CA HIS A 31 5.28 -18.88 -28.88
C HIS A 31 5.24 -19.79 -30.11
N SER A 32 5.73 -21.02 -29.98
CA SER A 32 5.71 -21.92 -31.13
C SER A 32 4.28 -22.26 -31.56
N ASN A 33 3.33 -22.17 -30.63
CA ASN A 33 1.93 -22.42 -30.97
C ASN A 33 1.30 -21.24 -31.70
N GLY A 34 2.07 -20.19 -31.91
CA GLY A 34 1.62 -19.06 -32.69
C GLY A 34 1.07 -17.90 -31.87
N ASN A 35 0.81 -18.11 -30.59
CA ASN A 35 0.31 -17.04 -29.72
C ASN A 35 1.43 -16.17 -29.15
N THR A 36 1.09 -14.94 -28.78
CA THR A 36 2.05 -14.04 -28.14
C THR A 36 1.58 -13.77 -26.72
N TYR A 37 2.27 -14.36 -25.74
CA TYR A 37 1.83 -14.29 -24.35
C TYR A 37 2.39 -13.06 -23.64
N LEU A 38 1.96 -11.89 -24.13
CA LEU A 38 2.26 -10.63 -23.46
C LEU A 38 1.00 -10.04 -22.81
N HIS A 39 1.12 -9.67 -21.55
CA HIS A 39 -0.03 -9.23 -20.75
C HIS A 39 0.28 -7.95 -20.00
N TRP A 40 -0.77 -7.24 -19.60
CA TRP A 40 -0.63 -6.02 -18.83
C TRP A 40 -1.44 -6.13 -17.56
N TYR A 41 -0.87 -5.68 -16.44
CA TYR A 41 -1.56 -5.68 -15.15
C TYR A 41 -1.62 -4.26 -14.62
N LEU A 42 -2.66 -3.98 -13.84
CA LEU A 42 -2.75 -2.70 -13.17
C LEU A 42 -2.79 -2.95 -11.67
N GLN A 43 -1.91 -2.28 -10.93
CA GLN A 43 -2.01 -2.33 -9.49
C GLN A 43 -2.48 -0.98 -8.96
N LYS A 44 -3.74 -0.93 -8.55
CA LYS A 44 -4.30 0.29 -7.95
C LYS A 44 -3.86 0.43 -6.50
N PRO A 45 -3.84 1.68 -6.00
CA PRO A 45 -3.40 1.98 -4.63
C PRO A 45 -4.04 1.06 -3.59
N GLY A 46 -3.20 0.39 -2.79
CA GLY A 46 -3.68 -0.40 -1.69
C GLY A 46 -4.40 -1.68 -2.07
N GLN A 47 -4.06 -2.25 -3.23
CA GLN A 47 -4.64 -3.53 -3.60
C GLN A 47 -3.75 -4.39 -4.49
N SER A 48 -4.20 -5.60 -4.79
CA SER A 48 -3.41 -6.55 -5.55
C SER A 48 -3.37 -6.16 -7.00
N PRO A 49 -2.35 -6.64 -7.73
CA PRO A 49 -2.38 -6.42 -9.18
C PRO A 49 -3.63 -7.04 -9.76
N GLN A 50 -4.13 -6.50 -10.85
CA GLN A 50 -5.23 -7.15 -11.57
C GLN A 50 -4.92 -7.18 -13.06
N LEU A 51 -5.39 -8.23 -13.71
CA LEU A 51 -5.20 -8.40 -15.14
C LEU A 51 -6.02 -7.37 -15.91
N LEU A 52 -5.35 -6.68 -16.82
CA LEU A 52 -5.98 -5.62 -17.59
C LEU A 52 -6.18 -6.13 -19.02
N ILE A 53 -5.08 -6.54 -19.64
CA ILE A 53 -5.07 -7.01 -21.02
C ILE A 53 -4.26 -8.30 -21.12
N TYR A 54 -4.73 -9.22 -21.94
CA TYR A 54 -4.09 -10.48 -22.20
C TYR A 54 -3.80 -10.76 -23.65
N LYS A 55 -2.72 -11.46 -23.91
CA LYS A 55 -2.35 -11.81 -25.22
C LYS A 55 -2.33 -10.56 -26.08
N VAL A 56 -1.63 -9.58 -25.56
CA VAL A 56 -1.30 -8.38 -26.27
C VAL A 56 -2.41 -7.40 -26.38
N SER A 57 -3.57 -7.82 -26.82
CA SER A 57 -4.60 -6.89 -27.17
C SER A 57 -5.96 -7.28 -26.74
N ASN A 58 -6.10 -8.27 -25.90
CA ASN A 58 -7.38 -8.72 -25.46
C ASN A 58 -7.76 -8.15 -24.08
N ARG A 59 -8.87 -7.45 -23.99
CA ARG A 59 -9.28 -6.80 -22.73
C ARG A 59 -9.92 -7.75 -21.76
N PHE A 60 -9.47 -7.70 -20.49
CA PHE A 60 -10.01 -8.63 -19.51
C PHE A 60 -11.35 -8.11 -18.94
N SER A 61 -11.97 -8.90 -18.06
CA SER A 61 -13.31 -8.63 -17.56
C SER A 61 -13.45 -7.24 -16.96
N GLY A 62 -14.48 -6.52 -17.40
CA GLY A 62 -14.82 -5.23 -16.83
C GLY A 62 -13.90 -4.09 -17.22
N VAL A 63 -12.90 -4.39 -18.03
CA VAL A 63 -11.96 -3.35 -18.47
C VAL A 63 -12.58 -2.54 -19.61
N PRO A 64 -12.69 -1.31 -19.21
CA PRO A 64 -13.29 -0.26 -19.96
C PRO A 64 -12.54 -0.22 -21.18
N ASP A 65 -13.29 0.17 -22.14
CA ASP A 65 -13.00 0.27 -23.55
C ASP A 65 -11.85 1.26 -23.90
N ARG A 66 -11.55 2.19 -23.00
CA ARG A 66 -10.53 3.19 -23.22
C ARG A 66 -9.15 2.61 -23.22
N PHE A 67 -9.03 1.41 -22.74
CA PHE A 67 -7.75 0.70 -22.68
C PHE A 67 -7.56 -0.15 -23.93
N SER A 68 -6.38 -0.06 -24.54
CA SER A 68 -6.06 -0.89 -25.70
C SER A 68 -4.58 -1.25 -25.75
N GLY A 69 -4.30 -2.47 -26.21
CA GLY A 69 -2.94 -2.96 -26.29
C GLY A 69 -2.60 -3.35 -27.72
N SER A 70 -1.36 -3.13 -28.11
CA SER A 70 -0.94 -3.44 -29.47
C SER A 70 0.55 -3.75 -29.51
N GLY A 71 1.01 -4.24 -30.66
CA GLY A 71 2.42 -4.53 -30.82
C GLY A 71 2.60 -5.96 -31.23
N SER A 72 3.84 -6.34 -31.47
CA SER A 72 4.15 -7.69 -31.89
C SER A 72 5.62 -8.01 -31.66
N GLY A 73 5.90 -9.28 -31.42
CA GLY A 73 7.27 -9.75 -31.33
C GLY A 73 7.95 -9.35 -30.03
N THR A 74 8.62 -8.20 -30.04
CA THR A 74 9.29 -7.67 -28.85
C THR A 74 8.91 -6.25 -28.50
N ASP A 75 8.02 -5.67 -29.28
CA ASP A 75 7.72 -4.24 -29.20
C ASP A 75 6.23 -4.00 -28.96
N PHE A 76 5.85 -3.64 -27.73
CA PHE A 76 4.43 -3.55 -27.37
C PHE A 76 4.03 -2.20 -26.76
N THR A 77 2.75 -1.87 -26.84
CA THR A 77 2.27 -0.59 -26.32
C THR A 77 0.92 -0.74 -25.65
N LEU A 78 0.77 -0.11 -24.48
CA LEU A 78 -0.53 0.06 -23.84
C LEU A 78 -0.96 1.51 -24.00
N LYS A 79 -2.16 1.73 -24.55
CA LYS A 79 -2.67 3.08 -24.72
C LYS A 79 -3.98 3.28 -23.95
N ILE A 80 -4.07 4.38 -23.23
CA ILE A 80 -5.32 4.80 -22.63
C ILE A 80 -5.80 6.04 -23.39
N SER A 81 -6.92 5.92 -24.08
CA SER A 81 -7.34 6.98 -25.00
C SER A 81 -7.74 8.26 -24.28
N ARG A 82 -8.32 8.12 -23.09
CA ARG A 82 -8.64 9.26 -22.25
C ARG A 82 -8.58 8.86 -20.77
N VAL A 83 -7.58 9.33 -20.07
CA VAL A 83 -7.40 8.90 -18.70
C VAL A 83 -8.43 9.40 -17.74
N GLU A 84 -8.77 8.59 -16.77
CA GLU A 84 -9.71 9.00 -15.72
C GLU A 84 -9.03 8.90 -14.36
N ALA A 85 -9.58 9.58 -13.37
CA ALA A 85 -9.00 9.55 -12.03
C ALA A 85 -8.83 8.14 -11.49
N GLU A 86 -9.75 7.24 -11.87
CA GLU A 86 -9.74 5.86 -11.40
C GLU A 86 -8.65 5.00 -12.04
N ASP A 87 -7.94 5.54 -13.02
CA ASP A 87 -6.90 4.78 -13.72
C ASP A 87 -5.56 4.90 -13.02
N VAL A 88 -5.53 5.60 -11.88
CA VAL A 88 -4.28 5.85 -11.17
C VAL A 88 -3.74 4.55 -10.58
N GLY A 89 -2.41 4.39 -10.64
CA GLY A 89 -1.78 3.18 -10.13
C GLY A 89 -0.56 2.82 -10.94
N VAL A 90 -0.11 1.58 -10.78
CA VAL A 90 1.12 1.14 -11.43
C VAL A 90 0.78 0.07 -12.45
N TYR A 91 1.25 0.27 -13.67
CA TYR A 91 0.97 -0.63 -14.78
C TYR A 91 2.22 -1.45 -15.07
N TYR A 92 2.02 -2.78 -15.15
CA TYR A 92 3.12 -3.70 -15.45
C TYR A 92 2.85 -4.46 -16.74
N CYS A 93 3.85 -4.60 -17.58
CA CYS A 93 3.79 -5.53 -18.69
C CYS A 93 4.39 -6.85 -18.18
N SER A 94 4.15 -7.97 -18.85
CA SER A 94 4.59 -9.28 -18.36
C SER A 94 4.57 -10.32 -19.47
N GLN A 95 5.45 -11.26 -19.39
CA GLN A 95 5.56 -12.35 -20.32
C GLN A 95 5.49 -13.68 -19.68
N SER A 96 4.71 -14.45 -20.42
CA SER A 96 4.27 -15.76 -20.15
C SER A 96 4.79 -16.74 -21.21
N THR A 97 5.44 -16.24 -22.25
CA THR A 97 5.86 -17.11 -23.34
C THR A 97 6.88 -18.12 -22.88
N HIS A 98 7.80 -17.68 -22.03
CA HIS A 98 8.93 -18.50 -21.61
C HIS A 98 9.07 -18.47 -20.09
N VAL A 99 9.43 -19.61 -19.51
CA VAL A 99 9.74 -19.68 -18.08
C VAL A 99 11.18 -19.28 -17.83
N PRO A 100 11.43 -18.55 -16.74
CA PRO A 100 10.43 -18.05 -15.78
C PRO A 100 9.65 -16.87 -16.34
N TRP A 101 8.37 -16.77 -15.96
CA TRP A 101 7.57 -15.62 -16.35
C TRP A 101 8.17 -14.39 -15.67
N THR A 102 8.13 -13.25 -16.35
CA THR A 102 8.77 -12.05 -15.84
C THR A 102 7.89 -10.82 -16.02
N PHE A 103 8.19 -9.79 -15.24
CA PHE A 103 7.46 -8.54 -15.30
C PHE A 103 8.41 -7.39 -15.62
N GLY A 104 7.85 -6.33 -16.21
CA GLY A 104 8.55 -5.07 -16.34
C GLY A 104 8.65 -4.37 -14.98
N GLN A 105 9.31 -3.22 -14.96
CA GLN A 105 9.57 -2.53 -13.69
C GLN A 105 8.33 -1.87 -13.11
N GLY A 106 7.35 -1.61 -13.97
CA GLY A 106 6.15 -0.92 -13.54
C GLY A 106 6.20 0.56 -13.89
N THR A 107 5.08 1.08 -14.39
CA THR A 107 4.96 2.50 -14.73
C THR A 107 3.92 3.16 -13.83
N LYS A 108 4.33 4.16 -13.07
CA LYS A 108 3.43 4.83 -12.16
C LYS A 108 2.70 5.96 -12.87
N VAL A 109 1.39 5.80 -13.04
CA VAL A 109 0.56 6.83 -13.63
C VAL A 109 0.03 7.79 -12.55
N GLU A 110 0.32 9.08 -12.72
CA GLU A 110 -0.20 10.09 -11.80
C GLU A 110 -1.15 11.02 -12.53
N ILE A 111 -2.25 11.36 -11.87
CA ILE A 111 -3.27 12.21 -12.47
C ILE A 111 -2.99 13.67 -12.14
N LYS A 112 -2.90 14.52 -13.17
CA LYS A 112 -2.59 15.92 -12.96
C LYS A 112 -3.85 16.75 -12.85
N ARG A 113 -4.43 16.78 -11.65
CA ARG A 113 -5.66 17.53 -11.41
C ARG A 113 -5.35 18.97 -11.04
N THR A 114 -6.39 19.73 -10.71
CA THR A 114 -6.28 21.12 -10.29
C THR A 114 -5.53 21.24 -8.97
N VAL A 115 -4.84 22.35 -8.76
CA VAL A 115 -4.14 22.59 -7.50
C VAL A 115 -5.16 22.68 -6.36
N ALA A 116 -4.90 21.96 -5.27
CA ALA A 116 -5.77 22.02 -4.10
C ALA A 116 -4.94 22.26 -2.84
N ALA A 117 -5.28 23.28 -2.06
CA ALA A 117 -4.56 23.56 -0.83
C ALA A 117 -4.93 22.53 0.23
N PRO A 118 -3.97 22.17 1.08
CA PRO A 118 -4.26 21.26 2.19
C PRO A 118 -5.08 21.95 3.28
N SER A 119 -6.01 21.20 3.88
CA SER A 119 -6.60 21.63 5.13
C SER A 119 -5.65 21.15 6.21
N VAL A 120 -5.28 22.04 7.12
CA VAL A 120 -4.26 21.70 8.11
C VAL A 120 -4.85 21.58 9.51
N PHE A 121 -4.50 20.49 10.20
CA PHE A 121 -4.98 20.23 11.54
C PHE A 121 -3.82 19.84 12.46
N ILE A 122 -3.84 20.32 13.69
CA ILE A 122 -2.83 19.95 14.65
C ILE A 122 -3.43 19.23 15.86
N PHE A 123 -2.71 18.24 16.36
CA PHE A 123 -3.20 17.44 17.48
C PHE A 123 -2.16 17.33 18.58
N PRO A 124 -2.47 17.83 19.78
CA PRO A 124 -1.53 17.60 20.89
C PRO A 124 -1.48 16.11 21.25
N PRO A 125 -0.47 15.69 22.02
CA PRO A 125 -0.48 14.29 22.44
C PRO A 125 -1.65 14.01 23.39
N SER A 126 -2.16 12.79 23.40
CA SER A 126 -3.21 12.42 24.34
C SER A 126 -2.61 12.31 25.73
N ASP A 127 -3.36 12.68 26.76
CA ASP A 127 -2.87 12.53 28.12
C ASP A 127 -2.61 11.06 28.39
N GLU A 128 -3.26 10.20 27.62
CA GLU A 128 -3.05 8.76 27.68
C GLU A 128 -1.59 8.40 27.36
N GLN A 129 -1.05 9.03 26.32
CA GLN A 129 0.32 8.79 25.92
C GLN A 129 1.31 9.48 26.87
N LEU A 130 0.97 10.67 27.34
CA LEU A 130 1.83 11.41 28.25
C LEU A 130 2.15 10.58 29.49
N LYS A 131 1.29 9.66 29.82
CA LYS A 131 1.58 8.84 30.91
C LYS A 131 2.88 8.08 30.62
N SER A 132 3.00 7.54 29.43
CA SER A 132 4.06 6.63 29.00
C SER A 132 5.41 7.27 28.86
N GLY A 133 5.49 8.57 29.04
CA GLY A 133 6.77 9.23 29.06
C GLY A 133 7.17 9.80 27.74
N THR A 134 6.20 9.80 26.87
CA THR A 134 6.38 10.27 25.53
C THR A 134 5.21 11.05 25.05
N ALA A 135 5.59 11.88 24.15
CA ALA A 135 4.72 12.89 23.57
C ALA A 135 4.82 12.88 22.06
N SER A 136 3.72 12.57 21.39
CA SER A 136 3.64 12.66 19.95
C SER A 136 2.70 13.80 19.55
N VAL A 137 3.23 14.76 18.81
CA VAL A 137 2.43 15.84 18.27
C VAL A 137 2.19 15.55 16.79
N VAL A 138 0.94 15.63 16.36
CA VAL A 138 0.63 15.28 14.98
C VAL A 138 0.08 16.45 14.16
N CYS A 139 0.64 16.63 12.98
CA CYS A 139 0.16 17.63 12.03
C CYS A 139 -0.43 16.90 10.82
N LEU A 140 -1.65 17.25 10.44
CA LEU A 140 -2.34 16.60 9.34
C LEU A 140 -2.59 17.57 8.19
N LEU A 141 -2.16 17.19 6.99
CA LEU A 141 -2.46 17.94 5.78
C LEU A 141 -3.39 17.09 4.92
N ASN A 142 -4.62 17.56 4.76
CA ASN A 142 -5.64 16.74 4.14
C ASN A 142 -6.01 17.18 2.73
N ASN A 143 -6.01 16.23 1.80
CA ASN A 143 -6.59 16.40 0.47
C ASN A 143 -5.97 17.54 -0.34
N PHE A 144 -4.70 17.42 -0.66
CA PHE A 144 -4.03 18.50 -1.40
C PHE A 144 -3.43 18.01 -2.73
N TYR A 145 -3.06 18.95 -3.58
CA TYR A 145 -2.38 18.64 -4.84
C TYR A 145 -1.68 19.90 -5.33
N PRO A 146 -0.44 19.78 -5.85
CA PRO A 146 0.34 18.56 -6.05
C PRO A 146 0.97 18.02 -4.77
N ARG A 147 1.77 16.97 -4.89
CA ARG A 147 2.28 16.23 -3.75
C ARG A 147 3.28 17.04 -2.93
N GLU A 148 3.99 17.95 -3.60
CA GLU A 148 5.05 18.71 -2.97
C GLU A 148 4.49 19.57 -1.85
N ALA A 149 4.91 19.28 -0.62
CA ALA A 149 4.47 20.04 0.53
C ALA A 149 5.59 20.08 1.55
N LYS A 150 5.82 21.25 2.14
CA LYS A 150 6.85 21.41 3.15
C LYS A 150 6.24 21.64 4.52
N VAL A 151 6.63 20.81 5.47
CA VAL A 151 6.16 20.96 6.84
C VAL A 151 7.35 21.21 7.74
N GLN A 152 7.25 22.23 8.59
CA GLN A 152 8.28 22.41 9.61
C GLN A 152 7.70 22.72 10.98
N TRP A 153 8.27 22.05 11.97
CA TRP A 153 7.83 22.17 13.34
C TRP A 153 8.59 23.27 14.06
N LYS A 154 7.88 24.02 14.88
CA LYS A 154 8.51 25.03 15.71
C LYS A 154 7.98 24.86 17.12
N VAL A 155 8.89 24.78 18.08
CA VAL A 155 8.52 24.70 19.48
C VAL A 155 9.05 25.95 20.16
N ASP A 156 8.17 26.68 20.85
CA ASP A 156 8.50 28.02 21.34
C ASP A 156 9.29 28.80 20.28
N ASN A 157 8.83 28.71 19.04
CA ASN A 157 9.42 29.41 17.90
C ASN A 157 10.81 28.91 17.54
N ALA A 158 11.17 27.74 18.06
CA ALA A 158 12.46 27.14 17.75
C ALA A 158 12.32 26.07 16.67
N LEU A 159 13.00 26.28 15.55
CA LEU A 159 13.03 25.30 14.46
C LEU A 159 13.43 23.93 15.02
N GLN A 160 12.65 22.91 14.68
CA GLN A 160 12.96 21.55 15.11
C GLN A 160 13.66 20.81 13.99
N SER A 161 14.48 19.82 14.35
CA SER A 161 15.12 18.98 13.35
C SER A 161 15.48 17.61 13.92
N GLY A 162 15.27 16.57 13.12
CA GLY A 162 15.66 15.22 13.50
C GLY A 162 14.74 14.53 14.50
N ASN A 163 13.62 15.16 14.85
CA ASN A 163 12.68 14.55 15.78
C ASN A 163 11.27 14.44 15.21
N SER A 164 11.16 14.43 13.88
CA SER A 164 9.87 14.27 13.23
C SER A 164 9.97 13.38 12.01
N GLN A 165 8.85 12.75 11.65
CA GLN A 165 8.77 11.93 10.46
C GLN A 165 7.46 12.20 9.76
N GLU A 166 7.44 12.02 8.44
CA GLU A 166 6.25 12.25 7.63
C GLU A 166 5.83 10.99 6.92
N SER A 167 4.52 10.86 6.70
CA SER A 167 3.98 9.83 5.85
C SER A 167 2.95 10.45 4.91
N VAL A 168 2.92 10.03 3.66
CA VAL A 168 1.94 10.54 2.71
C VAL A 168 1.20 9.43 1.97
N THR A 169 -0.11 9.59 1.83
CA THR A 169 -0.95 8.61 1.15
C THR A 169 -0.63 8.56 -0.35
N GLU A 170 -1.02 7.46 -0.98
CA GLU A 170 -1.03 7.39 -2.42
C GLU A 170 -2.15 8.27 -2.95
N GLN A 171 -2.01 8.73 -4.18
CA GLN A 171 -3.04 9.57 -4.79
C GLN A 171 -4.40 8.86 -4.79
N ASP A 172 -5.42 9.56 -4.29
CA ASP A 172 -6.77 9.03 -4.21
C ASP A 172 -7.36 8.76 -5.60
N SER A 173 -7.97 7.59 -5.76
CA SER A 173 -8.48 7.17 -7.06
C SER A 173 -9.76 7.90 -7.46
N LYS A 174 -10.36 8.63 -6.53
CA LYS A 174 -11.58 9.39 -6.81
C LYS A 174 -11.35 10.88 -7.01
N ASP A 175 -10.62 11.51 -6.09
CA ASP A 175 -10.41 12.95 -6.18
C ASP A 175 -8.95 13.31 -6.50
N SER A 176 -8.10 12.30 -6.60
CA SER A 176 -6.74 12.49 -7.08
C SER A 176 -5.88 13.37 -6.15
N THR A 177 -6.26 13.48 -4.89
CA THR A 177 -5.48 14.26 -3.95
C THR A 177 -4.57 13.37 -3.10
N TYR A 178 -3.64 14.00 -2.40
CA TYR A 178 -2.78 13.34 -1.43
C TYR A 178 -3.15 13.86 -0.05
N SER A 179 -2.80 13.10 0.99
CA SER A 179 -2.84 13.63 2.34
C SER A 179 -1.51 13.28 2.99
N LEU A 180 -1.17 13.99 4.05
CA LEU A 180 0.13 13.83 4.69
C LEU A 180 -0.01 13.98 6.19
N SER A 181 0.70 13.14 6.93
CA SER A 181 0.76 13.29 8.38
C SER A 181 2.21 13.38 8.82
N SER A 182 2.50 14.38 9.65
CA SER A 182 3.83 14.60 10.17
C SER A 182 3.72 14.51 11.67
N THR A 183 4.55 13.69 12.29
CA THR A 183 4.54 13.47 13.73
C THR A 183 5.83 13.95 14.39
N LEU A 184 5.71 14.80 15.41
CA LEU A 184 6.85 15.28 16.17
C LEU A 184 6.86 14.52 17.49
N THR A 185 7.97 13.85 17.78
CA THR A 185 8.04 13.02 18.97
C THR A 185 9.06 13.53 20.00
N LEU A 186 8.59 13.85 21.20
CA LEU A 186 9.49 14.25 22.26
C LEU A 186 9.25 13.37 23.47
N SER A 187 10.16 13.43 24.44
CA SER A 187 9.92 12.83 25.74
C SER A 187 8.91 13.68 26.49
N LYS A 188 8.24 13.09 27.47
CA LYS A 188 7.31 13.83 28.30
C LYS A 188 7.99 15.04 28.91
N ALA A 189 9.19 14.84 29.46
CA ALA A 189 9.94 15.92 30.10
C ALA A 189 10.17 17.09 29.15
N ASP A 190 10.65 16.79 27.95
CA ASP A 190 10.85 17.82 26.93
C ASP A 190 9.53 18.51 26.60
N TYR A 191 8.52 17.71 26.29
CA TYR A 191 7.22 18.27 25.98
C TYR A 191 6.75 19.21 27.10
N GLU A 192 7.02 18.83 28.34
CA GLU A 192 6.55 19.62 29.48
C GLU A 192 7.33 20.92 29.66
N LYS A 193 8.46 21.05 28.96
CA LYS A 193 9.34 22.19 29.14
C LYS A 193 8.94 23.41 28.31
N HIS A 194 8.22 23.24 27.19
CA HIS A 194 7.91 24.31 26.24
C HIS A 194 6.43 24.61 26.06
N LYS A 195 6.11 25.77 25.50
CA LYS A 195 4.75 26.23 25.49
C LYS A 195 3.98 26.19 24.19
N VAL A 196 4.48 26.81 23.13
CA VAL A 196 3.74 26.81 21.89
C VAL A 196 4.30 25.82 20.92
N TYR A 197 3.41 24.98 20.44
CA TYR A 197 3.78 23.99 19.44
C TYR A 197 3.11 24.38 18.13
N ALA A 198 3.87 24.33 17.03
CA ALA A 198 3.34 24.82 15.77
C ALA A 198 3.89 24.03 14.60
N CYS A 199 3.04 23.76 13.62
CA CYS A 199 3.52 23.23 12.35
C CYS A 199 3.19 24.23 11.24
N GLU A 200 4.24 24.66 10.54
CA GLU A 200 4.09 25.61 9.45
C GLU A 200 4.14 24.85 8.15
N VAL A 201 3.12 25.04 7.32
CA VAL A 201 2.98 24.30 6.09
C VAL A 201 3.19 25.24 4.91
N THR A 202 3.94 24.77 3.92
CA THR A 202 4.13 25.52 2.70
C THR A 202 3.66 24.65 1.56
N HIS A 203 2.89 25.23 0.66
CA HIS A 203 2.32 24.49 -0.46
C HIS A 203 1.88 25.46 -1.54
N GLN A 204 1.88 24.99 -2.78
CA GLN A 204 1.58 25.83 -3.94
C GLN A 204 0.18 26.45 -3.86
N GLY A 205 -0.75 25.72 -3.25
CA GLY A 205 -2.13 26.15 -3.21
C GLY A 205 -2.47 27.15 -2.11
N LEU A 206 -1.49 27.41 -1.24
CA LEU A 206 -1.68 28.38 -0.17
C LEU A 206 -1.24 29.77 -0.63
N SER A 207 -1.91 30.79 -0.13
CA SER A 207 -1.59 32.17 -0.47
C SER A 207 -0.35 32.62 0.28
N SER A 208 0.02 31.86 1.29
CA SER A 208 1.15 32.13 2.12
C SER A 208 1.32 30.94 3.05
N PRO A 209 2.47 30.74 3.67
CA PRO A 209 2.58 29.59 4.57
C PRO A 209 1.61 29.62 5.70
N VAL A 210 0.97 28.50 5.96
CA VAL A 210 -0.05 28.40 6.98
C VAL A 210 0.52 27.75 8.24
N THR A 211 0.24 28.33 9.41
CA THR A 211 0.68 27.73 10.65
C THR A 211 -0.49 27.39 11.57
N LYS A 212 -0.49 26.16 12.07
CA LYS A 212 -1.43 25.73 13.08
C LYS A 212 -0.61 25.46 14.33
N SER A 213 -1.13 25.92 15.47
CA SER A 213 -0.39 25.80 16.71
C SER A 213 -1.33 25.67 17.88
N PHE A 214 -0.78 25.33 19.04
CA PHE A 214 -1.53 25.29 20.29
C PHE A 214 -0.63 25.60 21.48
N ASN A 215 -1.25 26.03 22.58
CA ASN A 215 -0.52 26.31 23.81
C ASN A 215 -0.69 25.15 24.75
N ARG A 216 0.43 24.59 25.19
CA ARG A 216 0.40 23.44 26.10
C ARG A 216 -0.43 23.77 27.33
N GLY A 217 -1.50 23.00 27.52
CA GLY A 217 -2.43 23.24 28.62
C GLY A 217 -3.40 24.36 28.31
N GLU B 1 -16.97 -17.58 -8.76
CA GLU B 1 -15.70 -17.00 -9.15
C GLU B 1 -14.59 -17.40 -8.19
N VAL B 2 -13.43 -17.75 -8.74
CA VAL B 2 -12.30 -18.22 -7.94
C VAL B 2 -11.84 -17.17 -6.93
N GLN B 3 -11.65 -17.61 -5.68
CA GLN B 3 -11.10 -16.75 -4.65
C GLN B 3 -9.88 -17.41 -3.99
N LEU B 4 -8.85 -16.61 -3.72
CA LEU B 4 -7.62 -17.12 -3.14
C LEU B 4 -7.27 -16.34 -1.88
N VAL B 5 -6.82 -17.05 -0.84
CA VAL B 5 -6.47 -16.44 0.43
C VAL B 5 -5.15 -16.95 1.01
N GLU B 6 -4.17 -16.07 1.14
CA GLU B 6 -2.87 -16.41 1.71
C GLU B 6 -2.88 -16.31 3.23
N SER B 7 -2.20 -17.23 3.88
CA SER B 7 -2.06 -17.21 5.31
C SER B 7 -0.72 -17.76 5.75
N GLY B 8 -0.27 -17.29 6.88
CA GLY B 8 0.95 -17.76 7.48
C GLY B 8 1.62 -16.69 8.31
N PRO B 9 2.77 -17.13 8.98
CA PRO B 9 3.36 -16.11 9.86
C PRO B 9 3.83 -14.86 9.14
N GLY B 10 3.74 -13.72 9.78
CA GLY B 10 4.27 -12.49 9.25
C GLY B 10 5.70 -12.15 9.59
N LEU B 11 6.32 -12.92 10.47
CA LEU B 11 7.71 -12.70 10.83
C LEU B 11 8.54 -13.98 10.74
N VAL B 12 9.67 -13.92 10.03
CA VAL B 12 10.62 -15.02 9.95
C VAL B 12 12.04 -14.51 10.26
N LYS B 13 12.80 -15.28 11.05
CA LYS B 13 14.18 -14.92 11.33
C LYS B 13 15.10 -15.26 10.15
N PRO B 14 16.15 -14.49 9.99
CA PRO B 14 17.04 -14.78 8.91
C PRO B 14 17.43 -16.17 9.10
N SER B 15 17.45 -16.88 7.99
CA SER B 15 18.03 -18.16 7.87
C SER B 15 17.06 -19.25 8.20
N GLU B 16 15.92 -18.88 8.80
CA GLU B 16 14.82 -19.71 9.20
C GLU B 16 13.82 -19.98 8.06
N THR B 17 12.62 -20.42 8.37
CA THR B 17 11.79 -21.14 7.41
C THR B 17 10.56 -20.36 6.98
N LEU B 18 10.49 -19.88 5.75
CA LEU B 18 9.25 -19.25 5.33
C LEU B 18 8.17 -20.24 4.83
N SER B 19 7.06 -20.34 5.52
CA SER B 19 5.99 -21.17 5.05
C SER B 19 4.60 -20.50 4.92
N LEU B 20 4.02 -20.52 3.75
CA LEU B 20 2.72 -19.94 3.60
C LEU B 20 1.79 -20.89 2.86
N SER B 21 0.54 -20.69 3.08
CA SER B 21 -0.41 -21.53 2.36
C SER B 21 -1.50 -20.68 1.74
N CYS B 22 -2.00 -21.14 0.59
CA CYS B 22 -3.07 -20.48 -0.12
C CYS B 22 -4.29 -21.40 -0.12
N THR B 23 -5.43 -20.88 0.33
CA THR B 23 -6.66 -21.66 0.30
C THR B 23 -7.52 -21.12 -0.83
N VAL B 24 -7.92 -22.02 -1.73
CA VAL B 24 -8.69 -21.63 -2.90
C VAL B 24 -10.16 -21.97 -2.75
N SER B 25 -11.01 -21.04 -3.15
CA SER B 25 -12.45 -21.24 -3.17
C SER B 25 -12.98 -21.07 -4.60
N GLY B 26 -14.08 -21.75 -4.92
CA GLY B 26 -14.73 -21.56 -6.20
C GLY B 26 -14.09 -22.25 -7.39
N ASP B 27 -13.11 -23.09 -7.09
CA ASP B 27 -12.42 -23.88 -8.08
C ASP B 27 -11.73 -25.04 -7.38
N SER B 28 -11.38 -26.08 -8.13
CA SER B 28 -10.55 -27.15 -7.57
C SER B 28 -9.12 -27.05 -8.11
N ILE B 29 -8.14 -27.09 -7.20
CA ILE B 29 -6.75 -26.97 -7.62
C ILE B 29 -6.22 -28.23 -8.31
N THR B 30 -7.04 -29.27 -8.41
CA THR B 30 -6.60 -30.49 -9.08
C THR B 30 -6.62 -30.31 -10.61
N SER B 31 -7.06 -29.16 -11.06
CA SER B 31 -6.94 -28.78 -12.47
C SER B 31 -6.30 -27.40 -12.60
N GLY B 32 -5.53 -27.21 -13.66
CA GLY B 32 -4.92 -25.92 -13.93
C GLY B 32 -3.67 -25.70 -13.11
N PHE B 33 -3.05 -24.50 -13.26
CA PHE B 33 -1.80 -24.09 -12.64
C PHE B 33 -1.95 -22.96 -11.58
N TRP B 34 -1.33 -23.16 -10.43
CA TRP B 34 -1.52 -22.26 -9.31
C TRP B 34 -0.19 -21.67 -8.90
N ASN B 35 -0.16 -20.37 -8.65
CA ASN B 35 1.10 -19.63 -8.62
C ASN B 35 1.40 -18.90 -7.32
N TRP B 36 2.67 -18.56 -7.15
CA TRP B 36 3.13 -17.66 -6.11
C TRP B 36 3.90 -16.54 -6.78
N ILE B 37 3.65 -15.31 -6.32
CA ILE B 37 4.31 -14.12 -6.83
C ILE B 37 4.64 -13.27 -5.61
N ARG B 38 5.73 -12.52 -5.66
CA ARG B 38 6.02 -11.64 -4.53
C ARG B 38 6.42 -10.24 -4.97
N GLN B 39 6.33 -9.28 -4.07
CA GLN B 39 6.64 -7.93 -4.39
C GLN B 39 7.35 -7.34 -3.22
N PRO B 40 8.72 -7.13 -3.40
CA PRO B 40 9.35 -6.40 -2.28
C PRO B 40 9.05 -4.92 -2.19
N PRO B 41 9.36 -4.38 -0.92
CA PRO B 41 8.80 -3.03 -0.62
C PRO B 41 9.02 -1.89 -1.57
N GLY B 42 7.94 -1.33 -2.00
CA GLY B 42 8.02 -0.39 -3.09
C GLY B 42 8.90 -0.92 -4.26
N LYS B 43 8.80 -2.21 -4.52
CA LYS B 43 9.62 -2.83 -5.46
C LYS B 43 8.57 -3.36 -6.37
N GLY B 44 8.95 -3.92 -7.48
CA GLY B 44 8.04 -4.56 -8.39
C GLY B 44 7.87 -6.04 -8.20
N LEU B 45 7.26 -6.71 -9.17
CA LEU B 45 6.79 -8.07 -9.02
C LEU B 45 7.69 -9.17 -9.51
N GLU B 46 7.78 -10.27 -8.79
CA GLU B 46 8.62 -11.40 -9.14
C GLU B 46 7.82 -12.70 -9.07
N TRP B 47 7.72 -13.41 -10.18
CA TRP B 47 7.05 -14.70 -10.20
C TRP B 47 7.95 -15.74 -9.55
N ILE B 48 7.37 -16.51 -8.64
CA ILE B 48 8.14 -17.48 -7.86
C ILE B 48 8.06 -18.87 -8.50
N GLY B 49 6.85 -19.29 -8.84
CA GLY B 49 6.68 -20.59 -9.47
C GLY B 49 5.24 -21.05 -9.44
N TYR B 50 4.98 -22.22 -10.02
CA TYR B 50 3.64 -22.80 -9.96
C TYR B 50 3.61 -24.27 -9.56
N ILE B 51 2.40 -24.73 -9.26
CA ILE B 51 2.13 -26.16 -9.12
C ILE B 51 0.89 -26.48 -9.95
N GLY B 52 1.07 -27.46 -10.78
CA GLY B 52 0.23 -27.72 -11.89
C GLY B 52 -0.33 -29.09 -11.85
N PHE B 53 -0.52 -29.59 -13.03
CA PHE B 53 -1.45 -30.66 -13.15
C PHE B 53 -1.23 -31.90 -12.26
N SER B 54 -0.05 -32.49 -12.16
CA SER B 54 0.04 -33.72 -11.37
C SER B 54 0.81 -33.63 -10.05
N GLY B 55 0.86 -32.41 -9.58
CA GLY B 55 1.68 -32.04 -8.47
C GLY B 55 2.97 -31.51 -9.01
N SER B 56 3.08 -31.36 -10.34
CA SER B 56 4.30 -30.91 -10.91
C SER B 56 4.55 -29.44 -10.68
N THR B 57 5.77 -29.06 -10.62
CA THR B 57 6.04 -27.67 -10.32
C THR B 57 7.11 -27.10 -11.24
N TYR B 58 7.21 -25.77 -11.28
CA TYR B 58 8.37 -25.10 -11.83
C TYR B 58 8.70 -23.93 -10.91
N TYR B 59 9.98 -23.76 -10.61
CA TYR B 59 10.45 -22.66 -9.76
C TYR B 59 11.31 -21.70 -10.57
N ASN B 60 11.19 -20.43 -10.30
CA ASN B 60 12.03 -19.44 -10.91
C ASN B 60 13.46 -19.67 -10.42
N PRO B 61 14.42 -19.69 -11.32
CA PRO B 61 15.81 -19.92 -10.97
C PRO B 61 16.37 -18.81 -10.10
N SER B 62 15.75 -17.66 -10.11
CA SER B 62 16.20 -16.56 -9.29
C SER B 62 16.15 -16.92 -7.80
N LEU B 63 15.30 -17.84 -7.43
CA LEU B 63 15.21 -18.24 -6.04
C LEU B 63 16.30 -19.23 -5.63
N LYS B 64 17.11 -19.65 -6.59
CA LYS B 64 18.29 -20.44 -6.34
C LYS B 64 18.05 -21.74 -5.60
N SER B 65 17.00 -22.44 -5.93
CA SER B 65 16.74 -23.69 -5.30
C SER B 65 16.45 -23.64 -3.80
N ARG B 66 15.93 -22.54 -3.31
CA ARG B 66 15.45 -22.43 -1.93
C ARG B 66 13.94 -22.66 -1.79
N VAL B 67 13.25 -22.80 -2.92
CA VAL B 67 11.78 -22.86 -2.89
C VAL B 67 11.19 -24.26 -3.12
N THR B 68 10.07 -24.53 -2.44
CA THR B 68 9.30 -25.76 -2.62
C THR B 68 7.82 -25.36 -2.58
N ILE B 69 7.06 -25.90 -3.50
CA ILE B 69 5.64 -25.67 -3.57
C ILE B 69 4.96 -27.02 -3.52
N SER B 70 3.94 -27.15 -2.74
CA SER B 70 3.29 -28.42 -2.54
C SER B 70 1.79 -28.21 -2.38
N ARG B 71 1.00 -29.27 -2.39
CA ARG B 71 -0.44 -29.06 -2.25
C ARG B 71 -1.13 -30.08 -1.36
N ASP B 72 -2.29 -29.69 -0.85
CA ASP B 72 -3.18 -30.57 -0.09
C ASP B 72 -4.53 -30.52 -0.79
N THR B 73 -4.78 -31.45 -1.69
CA THR B 73 -5.98 -31.42 -2.52
C THR B 73 -7.26 -31.64 -1.71
N SER B 74 -7.15 -32.33 -0.58
CA SER B 74 -8.32 -32.62 0.24
C SER B 74 -8.86 -31.36 0.91
N LYS B 75 -8.01 -30.34 1.04
CA LYS B 75 -8.42 -29.06 1.61
C LYS B 75 -8.41 -27.93 0.57
N ASN B 76 -8.15 -28.30 -0.68
CA ASN B 76 -8.02 -27.32 -1.76
C ASN B 76 -7.04 -26.22 -1.38
N GLN B 77 -5.88 -26.63 -0.86
CA GLN B 77 -4.83 -25.69 -0.46
C GLN B 77 -3.54 -25.99 -1.20
N TYR B 78 -2.72 -24.97 -1.43
CA TYR B 78 -1.34 -25.21 -1.85
C TYR B 78 -0.42 -24.28 -1.09
N SER B 79 0.85 -24.66 -0.97
CA SER B 79 1.73 -24.02 -0.01
C SER B 79 3.08 -23.64 -0.59
N LEU B 80 3.75 -22.70 0.06
CA LEU B 80 5.06 -22.25 -0.36
C LEU B 80 6.02 -22.38 0.82
N LYS B 81 7.19 -22.97 0.56
CA LYS B 81 8.29 -22.93 1.52
C LYS B 81 9.54 -22.35 0.89
N LEU B 82 10.14 -21.39 1.56
CA LEU B 82 11.36 -20.74 1.10
C LEU B 82 12.41 -20.81 2.19
N SER B 83 13.51 -21.50 1.91
CA SER B 83 14.52 -21.74 2.95
C SER B 83 15.59 -20.65 2.99
N SER B 84 16.33 -20.63 4.10
CA SER B 84 17.48 -19.76 4.27
C SER B 84 17.18 -18.32 3.88
N VAL B 85 16.11 -17.76 4.45
CA VAL B 85 15.69 -16.43 4.03
C VAL B 85 16.65 -15.34 4.52
N THR B 86 16.63 -14.21 3.82
CA THR B 86 17.34 -13.01 4.25
C THR B 86 16.43 -11.81 4.06
N ALA B 87 16.92 -10.61 4.36
CA ALA B 87 16.12 -9.40 4.20
C ALA B 87 15.59 -9.24 2.78
N ALA B 88 16.29 -9.82 1.82
CA ALA B 88 15.87 -9.73 0.42
C ALA B 88 14.54 -10.47 0.18
N ASP B 89 14.16 -11.34 1.11
CA ASP B 89 12.92 -12.09 0.96
C ASP B 89 11.72 -11.41 1.64
N THR B 90 11.99 -10.27 2.28
CA THR B 90 10.89 -9.48 2.85
C THR B 90 10.03 -8.99 1.69
N ALA B 91 8.74 -9.29 1.72
CA ALA B 91 7.85 -8.98 0.61
C ALA B 91 6.40 -9.28 0.92
N VAL B 92 5.51 -8.74 0.10
CA VAL B 92 4.14 -9.19 0.09
C VAL B 92 4.12 -10.38 -0.87
N TYR B 93 3.58 -11.51 -0.40
CA TYR B 93 3.49 -12.73 -1.19
C TYR B 93 2.05 -12.94 -1.60
N TYR B 94 1.84 -13.16 -2.91
CA TYR B 94 0.51 -13.36 -3.45
C TYR B 94 0.38 -14.75 -4.03
N CYS B 95 -0.78 -15.38 -3.84
CA CYS B 95 -1.09 -16.52 -4.70
C CYS B 95 -2.01 -16.06 -5.83
N ALA B 96 -1.97 -16.77 -6.96
CA ALA B 96 -2.78 -16.38 -8.11
C ALA B 96 -3.03 -17.56 -9.04
N SER B 97 -4.20 -17.58 -9.66
CA SER B 97 -4.45 -18.59 -10.66
C SER B 97 -3.94 -18.11 -12.00
N VAL B 98 -3.73 -19.07 -12.91
CA VAL B 98 -3.47 -18.84 -14.28
C VAL B 98 -4.63 -19.34 -15.07
N ASP B 99 -5.05 -18.63 -16.10
CA ASP B 99 -5.93 -19.19 -17.11
C ASP B 99 -5.31 -19.74 -18.42
N ASN B 100 -6.19 -19.98 -19.38
CA ASN B 100 -5.83 -20.58 -20.64
C ASN B 100 -5.09 -19.69 -21.57
N SER B 101 -5.10 -18.41 -21.24
CA SER B 101 -4.33 -17.41 -21.94
C SER B 101 -2.94 -17.26 -21.34
N ALA B 102 -2.69 -18.00 -20.29
CA ALA B 102 -1.47 -17.97 -19.53
C ALA B 102 -1.26 -16.62 -18.79
N ALA B 103 -2.33 -15.90 -18.59
CA ALA B 103 -2.28 -14.87 -17.66
C ALA B 103 -2.86 -15.06 -16.29
N LEU B 104 -2.36 -14.24 -15.39
CA LEU B 104 -2.70 -14.36 -14.00
C LEU B 104 -4.02 -13.66 -13.75
N ASP B 105 -5.07 -14.44 -13.75
CA ASP B 105 -6.42 -13.86 -13.82
C ASP B 105 -7.08 -13.53 -12.47
N TYR B 106 -6.80 -14.31 -11.44
CA TYR B 106 -7.36 -14.03 -10.12
C TYR B 106 -6.23 -14.04 -9.08
N TRP B 107 -6.20 -13.03 -8.22
CA TRP B 107 -5.11 -12.86 -7.25
C TRP B 107 -5.69 -12.79 -5.86
N GLY B 108 -4.94 -13.29 -4.88
CA GLY B 108 -5.32 -13.09 -3.49
C GLY B 108 -4.97 -11.68 -3.07
N GLN B 109 -5.31 -11.31 -1.85
CA GLN B 109 -5.01 -9.97 -1.34
C GLN B 109 -3.55 -9.86 -0.91
N GLY B 110 -2.90 -11.01 -0.77
CA GLY B 110 -1.49 -11.03 -0.47
C GLY B 110 -1.21 -10.95 1.01
N THR B 111 -0.05 -11.44 1.42
CA THR B 111 0.31 -11.36 2.82
C THR B 111 1.76 -10.94 2.97
N LEU B 112 2.00 -10.03 3.91
CA LEU B 112 3.32 -9.48 4.10
C LEU B 112 4.14 -10.37 5.02
N VAL B 113 5.34 -10.75 4.59
CA VAL B 113 6.27 -11.47 5.45
C VAL B 113 7.54 -10.65 5.58
N THR B 114 7.95 -10.40 6.81
CA THR B 114 9.14 -9.61 7.08
C THR B 114 10.20 -10.51 7.70
N VAL B 115 11.42 -10.42 7.18
CA VAL B 115 12.52 -11.23 7.67
C VAL B 115 13.38 -10.35 8.58
N SER B 116 13.42 -10.70 9.86
CA SER B 116 14.07 -9.86 10.85
C SER B 116 14.37 -10.66 12.12
N SER B 117 15.39 -10.27 12.86
CA SER B 117 15.65 -10.95 14.12
C SER B 117 14.96 -10.24 15.30
N ALA B 118 14.28 -9.12 15.01
CA ALA B 118 13.61 -8.36 16.06
C ALA B 118 12.38 -9.12 16.55
N SER B 119 11.88 -8.77 17.74
CA SER B 119 10.73 -9.47 18.28
C SER B 119 9.40 -8.87 17.84
N THR B 120 8.35 -9.69 17.93
CA THR B 120 6.98 -9.25 17.71
C THR B 120 6.58 -8.25 18.78
N LYS B 121 5.85 -7.20 18.41
CA LYS B 121 5.42 -6.20 19.38
C LYS B 121 4.13 -5.52 18.97
N GLY B 122 3.14 -5.55 19.86
CA GLY B 122 1.84 -4.99 19.59
C GLY B 122 1.79 -3.49 19.87
N PRO B 123 0.96 -2.77 19.12
CA PRO B 123 0.88 -1.31 19.24
C PRO B 123 0.14 -0.80 20.46
N SER B 124 0.50 0.40 20.88
CA SER B 124 -0.36 1.19 21.75
C SER B 124 -1.23 2.05 20.82
N VAL B 125 -2.48 2.27 21.21
CA VAL B 125 -3.41 3.07 20.41
C VAL B 125 -3.85 4.31 21.18
N PHE B 126 -3.58 5.49 20.62
CA PHE B 126 -3.92 6.74 21.27
C PHE B 126 -4.88 7.57 20.44
N PRO B 127 -5.79 8.28 21.10
CA PRO B 127 -6.72 9.16 20.40
C PRO B 127 -6.05 10.41 19.83
N LEU B 128 -6.52 10.83 18.67
CA LEU B 128 -6.24 12.16 18.17
C LEU B 128 -7.57 12.90 18.27
N ALA B 129 -7.79 13.59 19.39
CA ALA B 129 -9.10 14.15 19.69
C ALA B 129 -9.40 15.36 18.83
N PRO B 130 -10.65 15.49 18.38
CA PRO B 130 -11.04 16.69 17.64
C PRO B 130 -11.13 17.88 18.60
N SER B 131 -10.67 19.04 18.16
CA SER B 131 -10.74 20.24 18.98
C SER B 131 -10.85 21.48 18.10
N SER B 132 -10.80 22.66 18.71
CA SER B 132 -10.80 23.90 17.96
C SER B 132 -9.54 24.02 17.10
N LYS B 133 -8.54 23.19 17.42
CA LYS B 133 -7.30 23.14 16.66
C LYS B 133 -7.40 22.15 15.52
N SER B 134 -8.54 21.47 15.43
CA SER B 134 -8.83 20.59 14.32
C SER B 134 -10.24 20.82 13.78
N THR B 135 -10.72 22.05 13.90
CA THR B 135 -12.02 22.45 13.35
C THR B 135 -11.89 23.74 12.54
N SER B 136 -12.24 23.68 11.26
CA SER B 136 -12.22 24.85 10.39
C SER B 136 -13.50 24.91 9.56
N GLY B 137 -14.11 26.08 9.49
CA GLY B 137 -15.43 26.21 8.89
C GLY B 137 -16.36 25.29 9.65
N GLY B 138 -16.96 24.33 8.95
CA GLY B 138 -17.78 23.35 9.63
C GLY B 138 -17.12 21.99 9.84
N THR B 139 -15.85 21.86 9.45
CA THR B 139 -15.19 20.54 9.45
C THR B 139 -14.27 20.31 10.65
N ALA B 140 -14.29 19.08 11.15
CA ALA B 140 -13.38 18.67 12.22
C ALA B 140 -12.62 17.44 11.76
N ALA B 141 -11.44 17.21 12.33
CA ALA B 141 -10.72 15.98 12.08
C ALA B 141 -10.38 15.30 13.40
N LEU B 142 -10.40 13.98 13.39
CA LEU B 142 -10.04 13.21 14.55
C LEU B 142 -9.41 11.95 14.05
N GLY B 143 -8.86 11.15 14.94
CA GLY B 143 -8.18 9.94 14.51
C GLY B 143 -7.60 9.12 15.64
N CYS B 144 -6.75 8.18 15.25
CA CYS B 144 -6.04 7.29 16.16
C CYS B 144 -4.59 7.24 15.74
N LEU B 145 -3.70 7.32 16.73
CA LEU B 145 -2.28 7.08 16.51
C LEU B 145 -1.99 5.67 16.96
N VAL B 146 -1.46 4.87 16.04
CA VAL B 146 -1.12 3.48 16.31
C VAL B 146 0.39 3.40 16.42
N LYS B 147 0.88 3.28 17.61
CA LYS B 147 2.24 3.41 17.87
C LYS B 147 2.94 2.16 18.32
N ASP B 148 4.17 2.02 17.88
CA ASP B 148 5.15 1.10 18.38
C ASP B 148 4.85 -0.41 18.24
N TYR B 149 4.74 -0.86 17.02
CA TYR B 149 4.47 -2.22 16.71
C TYR B 149 5.42 -2.76 15.64
N PHE B 150 5.57 -4.07 15.63
CA PHE B 150 6.39 -4.79 14.69
C PHE B 150 5.94 -6.24 14.58
N PRO B 151 5.92 -6.80 13.36
CA PRO B 151 6.22 -6.12 12.09
C PRO B 151 4.95 -5.52 11.51
N GLU B 152 5.00 -5.04 10.26
CA GLU B 152 3.77 -4.68 9.57
C GLU B 152 2.92 -5.91 9.21
N PRO B 153 1.62 -5.71 8.92
CA PRO B 153 0.91 -4.43 8.93
C PRO B 153 -0.06 -4.33 10.11
N VAL B 154 -0.64 -3.16 10.27
CA VAL B 154 -1.78 -2.96 11.13
C VAL B 154 -2.96 -2.65 10.23
N THR B 155 -4.16 -3.08 10.64
CA THR B 155 -5.39 -2.71 9.95
C THR B 155 -6.19 -1.74 10.82
N VAL B 156 -6.80 -0.72 10.20
CA VAL B 156 -7.65 0.19 10.95
C VAL B 156 -8.98 0.41 10.23
N SER B 157 -10.07 0.28 10.97
CA SER B 157 -11.39 0.68 10.49
C SER B 157 -12.05 1.60 11.50
N TRP B 158 -13.14 2.24 11.10
CA TRP B 158 -13.86 3.14 11.99
C TRP B 158 -15.31 2.69 12.17
N ASN B 159 -15.78 2.68 13.42
CA ASN B 159 -17.13 2.20 13.75
C ASN B 159 -17.46 0.86 13.10
N SER B 160 -16.54 -0.08 13.21
CA SER B 160 -16.72 -1.44 12.70
C SER B 160 -17.02 -1.46 11.21
N GLY B 161 -16.51 -0.47 10.49
CA GLY B 161 -16.64 -0.42 9.05
C GLY B 161 -17.80 0.42 8.55
N ALA B 162 -18.58 0.99 9.47
CA ALA B 162 -19.73 1.81 9.09
C ALA B 162 -19.28 3.15 8.54
N LEU B 163 -18.14 3.64 9.01
CA LEU B 163 -17.63 4.93 8.60
C LEU B 163 -16.45 4.76 7.66
N THR B 164 -16.65 5.13 6.40
CA THR B 164 -15.58 4.99 5.41
C THR B 164 -15.34 6.33 4.74
N SER B 165 -16.37 7.15 4.69
CA SER B 165 -16.25 8.47 4.08
C SER B 165 -15.30 9.38 4.86
N GLY B 166 -14.33 9.96 4.16
CA GLY B 166 -13.40 10.90 4.76
C GLY B 166 -12.24 10.27 5.51
N VAL B 167 -12.10 8.94 5.43
CA VAL B 167 -11.07 8.21 6.18
C VAL B 167 -9.75 8.15 5.42
N HIS B 168 -8.65 8.50 6.09
CA HIS B 168 -7.30 8.29 5.52
C HIS B 168 -6.44 7.55 6.52
N THR B 169 -5.95 6.38 6.12
CA THR B 169 -5.01 5.65 6.96
C THR B 169 -3.64 5.74 6.30
N PHE B 170 -2.70 6.37 6.97
CA PHE B 170 -1.41 6.67 6.35
C PHE B 170 -0.50 5.44 6.33
N PRO B 171 0.43 5.38 5.35
CA PRO B 171 1.42 4.31 5.38
C PRO B 171 2.17 4.38 6.70
N ALA B 172 2.56 3.23 7.24
CA ALA B 172 3.36 3.21 8.45
C ALA B 172 4.74 3.83 8.21
N VAL B 173 5.29 4.49 9.22
CA VAL B 173 6.67 4.95 9.14
C VAL B 173 7.51 4.12 10.10
N LEU B 174 8.69 3.74 9.64
CA LEU B 174 9.63 3.00 10.46
C LEU B 174 10.41 3.98 11.31
N GLN B 175 10.20 3.94 12.62
CA GLN B 175 10.90 4.81 13.55
C GLN B 175 12.36 4.35 13.72
N SER B 176 13.21 5.23 14.23
CA SER B 176 14.62 4.88 14.43
C SER B 176 14.77 3.67 15.36
N SER B 177 13.83 3.52 16.28
CA SER B 177 13.86 2.39 17.23
C SER B 177 13.69 1.05 16.52
N GLY B 178 13.23 1.08 15.27
CA GLY B 178 12.95 -0.15 14.55
C GLY B 178 11.48 -0.57 14.69
N LEU B 179 10.68 0.28 15.32
CA LEU B 179 9.27 0.00 15.46
C LEU B 179 8.45 0.91 14.56
N TYR B 180 7.34 0.40 14.03
CA TYR B 180 6.47 1.17 13.14
C TYR B 180 5.46 2.01 13.91
N SER B 181 4.97 3.05 13.26
CA SER B 181 3.93 3.90 13.80
C SER B 181 3.06 4.42 12.65
N LEU B 182 1.75 4.45 12.85
CA LEU B 182 0.87 5.02 11.83
C LEU B 182 -0.32 5.74 12.43
N SER B 183 -0.93 6.58 11.61
CA SER B 183 -2.12 7.30 12.01
C SER B 183 -3.25 6.99 11.04
N SER B 184 -4.44 6.89 11.58
CA SER B 184 -5.64 6.89 10.77
C SER B 184 -6.46 8.10 11.21
N VAL B 185 -6.97 8.85 10.25
CA VAL B 185 -7.77 10.03 10.58
C VAL B 185 -9.04 10.08 9.74
N VAL B 186 -10.02 10.84 10.22
CA VAL B 186 -11.25 11.03 9.49
C VAL B 186 -11.66 12.49 9.64
N THR B 187 -12.19 13.07 8.56
CA THR B 187 -12.80 14.38 8.66
C THR B 187 -14.29 14.17 8.86
N VAL B 188 -14.84 14.89 9.83
CA VAL B 188 -16.27 14.84 10.11
C VAL B 188 -16.81 16.25 10.32
N PRO B 189 -18.12 16.40 10.18
CA PRO B 189 -18.75 17.69 10.50
C PRO B 189 -18.58 18.02 11.97
N SER B 190 -18.22 19.27 12.28
CA SER B 190 -18.13 19.74 13.66
C SER B 190 -19.48 19.52 14.34
N SER B 191 -20.55 19.64 13.56
CA SER B 191 -21.91 19.48 14.08
C SER B 191 -22.23 18.05 14.51
N SER B 192 -21.35 17.11 14.17
CA SER B 192 -21.59 15.70 14.51
C SER B 192 -20.94 15.28 15.82
N LEU B 193 -20.00 16.08 16.33
CA LEU B 193 -19.31 15.74 17.56
C LEU B 193 -20.27 15.78 18.74
N GLY B 194 -20.15 14.81 19.64
CA GLY B 194 -21.05 14.75 20.79
C GLY B 194 -22.39 14.12 20.46
N THR B 195 -22.75 14.15 19.19
CA THR B 195 -23.94 13.45 18.71
C THR B 195 -23.58 12.04 18.27
N GLN B 196 -22.49 11.93 17.52
CA GLN B 196 -22.03 10.65 17.00
C GLN B 196 -20.80 10.18 17.77
N THR B 197 -20.72 8.87 18.00
CA THR B 197 -19.55 8.29 18.65
C THR B 197 -18.61 7.70 17.60
N TYR B 198 -17.31 7.98 17.74
CA TYR B 198 -16.30 7.49 16.80
C TYR B 198 -15.32 6.56 17.50
N ILE B 199 -15.19 5.35 16.98
CA ILE B 199 -14.29 4.35 17.54
C ILE B 199 -13.43 3.78 16.45
N CYS B 200 -12.11 3.78 16.65
CA CYS B 200 -11.23 3.15 15.67
C CYS B 200 -10.94 1.72 16.09
N ASN B 201 -11.07 0.82 15.14
CA ASN B 201 -10.88 -0.58 15.36
C ASN B 201 -9.52 -0.96 14.81
N VAL B 202 -8.59 -1.29 15.70
CA VAL B 202 -7.24 -1.57 15.28
C VAL B 202 -6.92 -3.04 15.44
N ASN B 203 -6.27 -3.60 14.42
CA ASN B 203 -5.90 -5.00 14.43
C ASN B 203 -4.44 -5.16 14.04
N HIS B 204 -3.66 -5.77 14.91
CA HIS B 204 -2.31 -6.16 14.55
C HIS B 204 -2.23 -7.69 14.67
N LYS B 205 -2.42 -8.35 13.55
CA LYS B 205 -2.47 -9.82 13.53
C LYS B 205 -1.20 -10.51 14.03
N PRO B 206 -0.02 -9.97 13.68
CA PRO B 206 1.18 -10.73 14.09
C PRO B 206 1.37 -10.80 15.60
N SER B 207 0.73 -9.91 16.36
CA SER B 207 0.84 -9.93 17.82
C SER B 207 -0.48 -10.29 18.50
N ASN B 208 -1.49 -10.66 17.71
CA ASN B 208 -2.82 -10.93 18.27
C ASN B 208 -3.45 -9.73 18.96
N THR B 209 -3.07 -8.52 18.54
CA THR B 209 -3.64 -7.33 19.15
C THR B 209 -4.91 -6.92 18.43
N LYS B 210 -5.99 -6.75 19.21
CA LYS B 210 -7.24 -6.23 18.68
C LYS B 210 -7.77 -5.17 19.65
N VAL B 211 -7.81 -3.93 19.18
CA VAL B 211 -8.14 -2.82 20.07
C VAL B 211 -9.21 -1.92 19.47
N ASP B 212 -10.16 -1.50 20.30
CA ASP B 212 -11.19 -0.54 19.91
C ASP B 212 -11.06 0.71 20.79
N LYS B 213 -10.72 1.84 20.19
CA LYS B 213 -10.50 3.06 20.94
C LYS B 213 -11.54 4.12 20.61
N LYS B 214 -12.34 4.50 21.59
CA LYS B 214 -13.29 5.57 21.41
C LYS B 214 -12.55 6.90 21.39
N VAL B 215 -12.82 7.70 20.38
CA VAL B 215 -12.16 9.00 20.23
C VAL B 215 -13.16 10.12 20.47
N GLU B 216 -12.91 10.93 21.49
CA GLU B 216 -13.81 12.02 21.84
C GLU B 216 -13.09 13.36 22.01
N PRO B 217 -13.84 14.47 21.98
CA PRO B 217 -13.27 15.82 22.12
C PRO B 217 -12.71 16.07 23.52
#